data_9V4F
#
_entry.id   9V4F
#
_entity_poly.entity_id   1
_entity_poly.type   'polypeptide(L)'
_entity_poly.pdbx_seq_one_letter_code
;MGKPFTLSLSSLCLLLLSSACFAISSSKLNECQLNNLNALEPDHRVESEGGLIQTWNSQHPELKCAGVTVSKLTLNRNGL
HLPSYSPYPRMIIIAQGKGALGVAIPGCPETFEEPQEQSNRRGSRSQKQQLQDSHQKIRHFNEGDVLVIPPGVPYWTYNT
GDEPVVAISLLDTSNFNNQLDQTPRVFYLAGNPDIEYPETMQQQQQQKSHGGRKQGQHQQEEEEEGGSVLSGFSKHFLAQ
SFNTNEDIAEKLQSPDDERKQIVTVEGGLSVISPKWQEQQDEDEDEDEDDEDEQIPSHPPRRPSHGKREQDEDEDEDEDK
PRPSRPSQGKREQDQDQDEDEDEDEDQPRKSREWRSKKTQPRRPRQEEPRERGCETRNGVEENICTLKLHENIARPSRAD
FYNPKAGRISTLNSLTLPALRQFQLSAQYVVLYKNGIYSPHWNLNANSVIYVTRGQGKVRVVNCQGNAVFDGELRRGQLL
VVPQNFVVAEQAGEQGFEYIVFKTHHNAVTSYLKDVFRAIPSEVLAHSYNLRQSQVSELKYEGNWGPLVNPESQQGSPRV
KVA
;
_entity_poly.pdbx_strand_id   A,B,C,D,E,F,G,H,I,J
#
# COMPACT_ATOMS: atom_id res chain seq x y z
N VAL A 146 -20.49 3.02 -5.17
CA VAL A 146 -19.57 2.13 -4.45
C VAL A 146 -20.35 1.33 -3.41
N LEU A 147 -20.26 0.01 -3.50
CA LEU A 147 -20.93 -0.90 -2.58
C LEU A 147 -19.88 -1.65 -1.78
N VAL A 148 -20.05 -1.66 -0.46
CA VAL A 148 -19.11 -2.32 0.45
C VAL A 148 -19.91 -3.14 1.45
N ILE A 149 -19.54 -4.40 1.60
CA ILE A 149 -20.20 -5.29 2.56
C ILE A 149 -19.20 -6.36 2.99
N PRO A 150 -18.32 -6.07 3.94
CA PRO A 150 -17.39 -7.08 4.44
C PRO A 150 -17.98 -7.90 5.57
N PRO A 151 -18.14 -9.21 5.39
CA PRO A 151 -18.47 -10.06 6.54
C PRO A 151 -17.27 -10.27 7.46
N GLY A 152 -17.42 -11.10 8.48
CA GLY A 152 -16.29 -11.42 9.34
C GLY A 152 -15.85 -10.25 10.19
N VAL A 153 -14.54 -10.11 10.32
CA VAL A 153 -13.96 -9.06 11.18
C VAL A 153 -13.13 -8.12 10.33
N PRO A 154 -13.66 -6.96 9.94
CA PRO A 154 -12.85 -5.97 9.22
C PRO A 154 -11.91 -5.23 10.16
N TYR A 155 -11.10 -4.35 9.57
CA TYR A 155 -10.14 -3.56 10.34
C TYR A 155 -9.74 -2.32 9.55
N TRP A 156 -10.08 -1.15 10.07
CA TRP A 156 -9.76 0.12 9.42
C TRP A 156 -10.18 0.12 7.95
N THR A 157 -11.48 -0.05 7.73
CA THR A 157 -12.05 -0.03 6.39
C THR A 157 -12.34 1.41 5.98
N TYR A 158 -11.77 1.82 4.85
CA TYR A 158 -11.95 3.18 4.37
C TYR A 158 -12.36 3.17 2.91
N ASN A 159 -13.66 3.30 2.64
CA ASN A 159 -14.17 3.29 1.28
C ASN A 159 -14.34 4.70 0.73
N THR A 160 -13.27 5.48 0.75
CA THR A 160 -13.32 6.85 0.27
C THR A 160 -13.67 6.89 -1.22
N GLY A 161 -14.51 7.85 -1.58
CA GLY A 161 -14.94 7.99 -2.97
C GLY A 161 -15.23 9.43 -3.33
N ASP A 162 -14.80 9.85 -4.52
CA ASP A 162 -14.93 11.23 -4.98
C ASP A 162 -14.27 12.18 -3.98
N GLU A 163 -12.95 12.03 -3.86
CA GLU A 163 -12.23 12.83 -2.86
C GLU A 163 -11.12 13.67 -3.45
N PRO A 164 -11.47 14.81 -4.04
CA PRO A 164 -10.48 15.74 -4.58
C PRO A 164 -9.44 16.09 -3.53
N VAL A 165 -8.17 16.07 -3.93
CA VAL A 165 -7.05 16.27 -3.02
C VAL A 165 -6.12 17.32 -3.60
N VAL A 166 -5.82 18.35 -2.81
CA VAL A 166 -4.81 19.35 -3.14
C VAL A 166 -3.75 19.33 -2.05
N ALA A 167 -2.50 19.15 -2.45
CA ALA A 167 -1.38 19.09 -1.50
C ALA A 167 -0.19 19.81 -2.12
N ILE A 168 0.10 21.02 -1.65
CA ILE A 168 1.21 21.81 -2.14
C ILE A 168 2.00 22.30 -0.93
N SER A 169 3.33 22.12 -0.97
CA SER A 169 4.20 22.51 0.13
C SER A 169 5.39 23.28 -0.41
N LEU A 170 5.71 24.39 0.24
CA LEU A 170 6.85 25.22 -0.10
C LEU A 170 7.73 25.41 1.13
N LEU A 171 9.04 25.18 0.97
CA LEU A 171 9.98 25.34 2.07
C LEU A 171 10.91 26.53 1.82
N VAL B 146 10.00 4.02 18.47
CA VAL B 146 9.50 4.64 17.25
C VAL B 146 9.25 6.13 17.49
N LEU B 147 9.89 6.97 16.69
CA LEU B 147 9.75 8.42 16.79
C LEU B 147 9.05 8.94 15.54
N VAL B 148 8.00 9.72 15.75
CA VAL B 148 7.21 10.28 14.66
C VAL B 148 7.00 11.77 14.92
N ILE B 149 7.30 12.59 13.93
CA ILE B 149 7.11 14.03 14.05
C ILE B 149 6.85 14.60 12.65
N PRO B 150 5.64 14.51 12.13
CA PRO B 150 5.33 15.10 10.83
C PRO B 150 4.92 16.55 10.95
N PRO B 151 5.67 17.47 10.33
CA PRO B 151 5.18 18.84 10.20
C PRO B 151 4.10 18.96 9.14
N GLY B 152 3.63 20.16 8.86
CA GLY B 152 2.65 20.34 7.81
C GLY B 152 1.29 19.78 8.18
N VAL B 153 0.59 19.26 7.19
CA VAL B 153 -0.77 18.75 7.39
C VAL B 153 -0.78 17.25 7.09
N PRO B 154 -0.69 16.39 8.10
CA PRO B 154 -0.77 14.95 7.85
C PRO B 154 -2.19 14.49 7.56
N TYR B 155 -2.31 13.17 7.34
CA TYR B 155 -3.59 12.55 7.07
C TYR B 155 -3.54 11.10 7.47
N TRP B 156 -4.41 10.69 8.37
CA TRP B 156 -4.52 9.29 8.76
C TRP B 156 -3.13 8.68 9.00
N THR B 157 -2.45 9.21 10.00
CA THR B 157 -1.13 8.70 10.39
C THR B 157 -1.30 7.52 11.34
N TYR B 158 -0.69 6.40 11.00
CA TYR B 158 -0.80 5.19 11.83
C TYR B 158 0.57 4.59 12.12
N ASN B 159 1.14 4.94 13.27
CA ASN B 159 2.45 4.45 13.66
C ASN B 159 2.33 3.22 14.55
N THR B 160 1.60 2.21 14.09
CA THR B 160 1.41 1.00 14.87
C THR B 160 2.74 0.30 15.11
N GLY B 161 2.92 -0.17 16.34
CA GLY B 161 4.15 -0.85 16.72
C GLY B 161 3.94 -1.98 17.69
N ASP B 162 4.61 -3.10 17.47
CA ASP B 162 4.39 -4.28 18.33
C ASP B 162 2.92 -4.63 18.25
N GLU B 163 2.49 -5.17 17.12
CA GLU B 163 1.07 -5.49 16.94
C GLU B 163 0.83 -6.94 16.56
N PRO B 164 0.81 -7.84 17.55
CA PRO B 164 0.49 -9.24 17.25
C PRO B 164 -0.88 -9.34 16.58
N VAL B 165 -0.93 -10.07 15.47
CA VAL B 165 -2.14 -10.18 14.66
C VAL B 165 -2.43 -11.65 14.43
N VAL B 166 -3.64 -12.07 14.76
CA VAL B 166 -4.15 -13.41 14.46
C VAL B 166 -5.40 -13.26 13.61
N ALA B 167 -5.41 -13.91 12.46
CA ALA B 167 -6.55 -13.84 11.54
C ALA B 167 -6.74 -15.22 10.93
N ILE B 168 -7.74 -15.96 11.40
CA ILE B 168 -8.06 -17.28 10.90
C ILE B 168 -9.55 -17.32 10.58
N SER B 169 -9.90 -17.79 9.39
CA SER B 169 -11.27 -17.83 8.92
C SER B 169 -11.57 -19.20 8.33
N LEU B 170 -12.71 -19.77 8.72
CA LEU B 170 -13.18 -21.06 8.20
C LEU B 170 -14.58 -20.89 7.65
N LEU B 171 -14.80 -21.37 6.43
CA LEU B 171 -16.12 -21.31 5.81
C LEU B 171 -16.73 -22.70 5.68
N VAL C 146 -17.85 0.70 -8.49
CA VAL C 146 -16.91 -0.15 -7.77
C VAL C 146 -17.66 -0.96 -6.70
N LEU C 147 -17.54 -2.28 -6.78
CA LEU C 147 -18.18 -3.18 -5.83
C LEU C 147 -17.11 -3.91 -5.02
N VAL C 148 -17.26 -3.89 -3.70
CA VAL C 148 -16.31 -4.52 -2.80
C VAL C 148 -17.07 -5.33 -1.77
N ILE C 149 -16.67 -6.59 -1.61
CA ILE C 149 -17.31 -7.47 -0.62
C ILE C 149 -16.28 -8.52 -0.19
N PRO C 150 -15.40 -8.19 0.75
CA PRO C 150 -14.44 -9.18 1.25
C PRO C 150 -15.01 -9.99 2.40
N PRO C 151 -15.14 -11.31 2.25
CA PRO C 151 -15.43 -12.15 3.42
C PRO C 151 -14.22 -12.31 4.32
N GLY C 152 -14.35 -13.13 5.36
CA GLY C 152 -13.21 -13.41 6.20
C GLY C 152 -12.78 -12.22 7.03
N VAL C 153 -11.47 -12.04 7.16
CA VAL C 153 -10.90 -10.98 7.99
C VAL C 153 -10.10 -10.03 7.11
N PRO C 154 -10.67 -8.90 6.70
CA PRO C 154 -9.88 -7.90 5.97
C PRO C 154 -8.94 -7.12 6.88
N TYR C 155 -8.16 -6.23 6.26
CA TYR C 155 -7.21 -5.42 7.01
C TYR C 155 -6.83 -4.18 6.21
N TRP C 156 -7.20 -3.00 6.71
CA TRP C 156 -6.92 -1.74 6.03
C TRP C 156 -7.35 -1.79 4.56
N THR C 157 -8.65 -1.97 4.37
CA THR C 157 -9.23 -1.99 3.03
C THR C 157 -9.55 -0.56 2.61
N TYR C 158 -9.00 -0.16 1.46
CA TYR C 158 -9.22 1.20 0.95
C TYR C 158 -9.65 1.15 -0.50
N ASN C 159 -10.94 1.25 -0.75
CA ASN C 159 -11.48 1.20 -2.11
C ASN C 159 -11.68 2.60 -2.68
N THR C 160 -10.62 3.40 -2.68
CA THR C 160 -10.70 4.76 -3.19
C THR C 160 -11.07 4.77 -4.66
N GLY C 161 -11.93 5.71 -5.04
CA GLY C 161 -12.37 5.82 -6.42
C GLY C 161 -12.70 7.25 -6.80
N ASP C 162 -12.29 7.66 -8.00
CA ASP C 162 -12.46 9.03 -8.49
C ASP C 162 -11.80 10.01 -7.51
N GLU C 163 -10.48 9.89 -7.40
CA GLU C 163 -9.76 10.71 -6.42
C GLU C 163 -8.67 11.57 -7.03
N PRO C 164 -9.06 12.69 -7.63
CA PRO C 164 -8.09 13.64 -8.21
C PRO C 164 -7.05 14.02 -7.17
N VAL C 165 -5.78 14.02 -7.58
CA VAL C 165 -4.66 14.26 -6.69
C VAL C 165 -3.76 15.32 -7.30
N VAL C 166 -3.47 16.36 -6.53
CA VAL C 166 -2.48 17.38 -6.89
C VAL C 166 -1.42 17.40 -5.81
N ALA C 167 -0.16 17.24 -6.22
CA ALA C 167 0.96 17.21 -5.28
C ALA C 167 2.14 17.94 -5.92
N ILE C 168 2.40 19.17 -5.48
CA ILE C 168 3.50 19.98 -5.98
C ILE C 168 4.29 20.51 -4.80
N SER C 169 5.61 20.35 -4.85
CA SER C 169 6.49 20.77 -3.76
C SER C 169 7.66 21.57 -4.33
N LEU C 170 7.96 22.69 -3.70
CA LEU C 170 9.09 23.53 -4.06
C LEU C 170 9.97 23.75 -2.84
N LEU C 171 11.28 23.55 -3.02
CA LEU C 171 12.23 23.75 -1.92
C LEU C 171 13.13 24.95 -2.20
N VAL D 146 12.86 2.70 14.80
CA VAL D 146 12.34 3.29 13.58
C VAL D 146 12.06 4.77 13.80
N LEU D 147 12.67 5.62 12.98
CA LEU D 147 12.51 7.07 13.06
C LEU D 147 11.79 7.56 11.81
N VAL D 148 10.71 8.31 12.02
CA VAL D 148 9.90 8.85 10.92
C VAL D 148 9.66 10.32 11.17
N ILE D 149 9.93 11.14 10.16
CA ILE D 149 9.71 12.58 10.25
C ILE D 149 9.44 13.13 8.86
N PRO D 150 8.22 12.99 8.35
CA PRO D 150 7.89 13.56 7.04
C PRO D 150 7.45 15.01 7.14
N PRO D 151 8.17 15.93 6.50
CA PRO D 151 7.65 17.29 6.35
C PRO D 151 6.56 17.36 5.30
N GLY D 152 6.06 18.56 5.01
CA GLY D 152 5.06 18.70 3.97
C GLY D 152 3.72 18.12 4.36
N VAL D 153 3.02 17.57 3.38
CA VAL D 153 1.68 17.03 3.61
C VAL D 153 1.70 15.52 3.33
N PRO D 154 1.82 14.68 4.35
CA PRO D 154 1.76 13.23 4.14
C PRO D 154 0.34 12.75 3.87
N TYR D 155 0.25 11.43 3.67
CA TYR D 155 -1.02 10.76 3.43
C TYR D 155 -0.94 9.33 3.84
N TRP D 156 -1.80 8.91 4.75
CA TRP D 156 -1.86 7.52 5.17
C TRP D 156 -0.46 6.94 5.41
N THR D 157 0.22 7.51 6.39
CA THR D 157 1.54 7.02 6.78
C THR D 157 1.41 5.86 7.75
N TYR D 158 2.05 4.74 7.42
CA TYR D 158 1.97 3.55 8.26
C TYR D 158 3.35 2.98 8.55
N ASN D 159 3.92 3.36 9.68
CA ASN D 159 5.25 2.90 10.07
C ASN D 159 5.16 1.69 10.99
N THR D 160 4.46 0.65 10.55
CA THR D 160 4.29 -0.56 11.35
C THR D 160 5.63 -1.22 11.59
N GLY D 161 5.85 -1.67 12.83
CA GLY D 161 7.09 -2.31 13.19
C GLY D 161 6.91 -3.43 14.18
N ASP D 162 7.60 -4.55 13.98
CA ASP D 162 7.42 -5.70 14.86
C ASP D 162 5.96 -6.10 14.80
N GLU D 163 5.52 -6.66 13.69
CA GLU D 163 4.11 -7.01 13.52
C GLU D 163 3.90 -8.48 13.17
N PRO D 164 3.91 -9.36 14.17
CA PRO D 164 3.61 -10.76 13.90
C PRO D 164 2.24 -10.90 13.25
N VAL D 165 2.19 -11.65 12.15
CA VAL D 165 0.97 -11.81 11.36
C VAL D 165 0.71 -13.28 11.15
N VAL D 166 -0.49 -13.72 11.50
CA VAL D 166 -0.97 -15.07 11.23
C VAL D 166 -2.23 -14.97 10.39
N ALA D 167 -2.25 -15.63 9.25
CA ALA D 167 -3.39 -15.60 8.34
C ALA D 167 -3.57 -17.00 7.75
N ILE D 168 -4.54 -17.75 8.25
CA ILE D 168 -4.84 -19.08 7.77
C ILE D 168 -6.34 -19.16 7.47
N SER D 169 -6.69 -19.65 6.28
CA SER D 169 -8.07 -19.73 5.84
C SER D 169 -8.34 -21.11 5.27
N LEU D 170 -9.46 -21.70 5.68
CA LEU D 170 -9.90 -23.00 5.19
C LEU D 170 -11.32 -22.87 4.65
N LEU D 171 -11.55 -23.38 3.44
CA LEU D 171 -12.87 -23.36 2.83
C LEU D 171 -13.45 -24.76 2.73
N VAL E 146 -15.19 -1.61 -11.79
CA VAL E 146 -14.23 -2.44 -11.07
C VAL E 146 -14.95 -3.24 -9.98
N LEU E 147 -14.80 -4.56 -10.03
CA LEU E 147 -15.42 -5.46 -9.07
C LEU E 147 -14.33 -6.15 -8.26
N VAL E 148 -14.46 -6.11 -6.94
CA VAL E 148 -13.49 -6.71 -6.04
C VAL E 148 -14.23 -7.53 -4.99
N ILE E 149 -13.81 -8.78 -4.81
CA ILE E 149 -14.41 -9.65 -3.81
C ILE E 149 -13.36 -10.66 -3.37
N PRO E 150 -12.47 -10.31 -2.44
CA PRO E 150 -11.49 -11.27 -1.94
C PRO E 150 -12.03 -12.06 -0.77
N PRO E 151 -12.13 -13.39 -0.90
CA PRO E 151 -12.40 -14.22 0.28
C PRO E 151 -11.18 -14.34 1.17
N GLY E 152 -11.27 -15.15 2.23
CA GLY E 152 -10.11 -15.40 3.07
C GLY E 152 -9.70 -14.17 3.87
N VAL E 153 -8.40 -13.97 3.98
CA VAL E 153 -7.84 -12.89 4.79
C VAL E 153 -7.07 -11.93 3.89
N PRO E 154 -7.66 -10.81 3.47
CA PRO E 154 -6.91 -9.82 2.71
C PRO E 154 -5.97 -9.01 3.60
N TYR E 155 -5.21 -8.12 2.96
CA TYR E 155 -4.27 -7.27 3.69
C TYR E 155 -3.93 -6.03 2.86
N TRP E 156 -4.31 -4.86 3.34
CA TRP E 156 -4.06 -3.60 2.65
C TRP E 156 -4.51 -3.68 1.18
N THR E 157 -5.81 -3.89 1.00
CA THR E 157 -6.41 -3.94 -0.32
C THR E 157 -6.76 -2.53 -0.77
N TYR E 158 -6.23 -2.14 -1.93
CA TYR E 158 -6.48 -0.79 -2.46
C TYR E 158 -6.93 -0.87 -3.91
N ASN E 159 -8.22 -0.80 -4.14
CA ASN E 159 -8.77 -0.88 -5.50
C ASN E 159 -9.00 0.50 -6.08
N THR E 160 -7.96 1.33 -6.11
CA THR E 160 -8.07 2.68 -6.64
C THR E 160 -8.46 2.65 -8.11
N GLY E 161 -9.35 3.57 -8.49
CA GLY E 161 -9.80 3.65 -9.87
C GLY E 161 -10.17 5.06 -10.27
N ASP E 162 -9.78 5.47 -11.48
CA ASP E 162 -9.98 6.82 -11.99
C ASP E 162 -9.33 7.83 -11.03
N GLU E 163 -8.01 7.74 -10.93
CA GLU E 163 -7.29 8.59 -9.97
C GLU E 163 -6.23 9.46 -10.62
N PRO E 164 -6.65 10.57 -11.23
CA PRO E 164 -5.70 11.52 -11.82
C PRO E 164 -4.65 11.94 -10.80
N VAL E 165 -3.39 11.96 -11.23
CA VAL E 165 -2.27 12.23 -10.35
C VAL E 165 -1.39 13.30 -10.99
N VAL E 166 -1.11 14.37 -10.24
CA VAL E 166 -0.16 15.40 -10.63
C VAL E 166 0.92 15.45 -9.55
N ALA E 167 2.18 15.31 -9.97
CA ALA E 167 3.31 15.32 -9.05
C ALA E 167 4.46 16.06 -9.72
N ILE E 168 4.70 17.30 -9.30
CA ILE E 168 5.78 18.12 -9.82
C ILE E 168 6.57 18.69 -8.66
N SER E 169 7.90 18.56 -8.73
CA SER E 169 8.78 19.02 -7.65
C SER E 169 9.92 19.82 -8.24
N LEU E 170 10.21 20.97 -7.63
CA LEU E 170 11.32 21.83 -8.02
C LEU E 170 12.21 22.09 -6.82
N LEU E 171 13.52 21.90 -7.00
CA LEU E 171 14.48 22.14 -5.92
C LEU E 171 15.35 23.34 -6.22
N VAL F 146 15.71 1.38 11.13
CA VAL F 146 15.16 1.94 9.91
C VAL F 146 14.85 3.42 10.10
N LEU F 147 15.44 4.27 9.26
CA LEU F 147 15.24 5.71 9.32
C LEU F 147 14.50 6.16 8.07
N VAL F 148 13.41 6.90 8.27
CA VAL F 148 12.59 7.40 7.18
C VAL F 148 12.32 8.88 7.42
N ILE F 149 12.56 9.68 6.39
CA ILE F 149 12.31 11.12 6.46
C ILE F 149 12.01 11.64 5.06
N PRO F 150 10.78 11.48 4.57
CA PRO F 150 10.43 12.00 3.25
C PRO F 150 9.96 13.45 3.33
N PRO F 151 10.67 14.38 2.67
CA PRO F 151 10.11 15.72 2.51
C PRO F 151 9.01 15.75 1.47
N GLY F 152 8.49 16.94 1.16
CA GLY F 152 7.48 17.04 0.13
C GLY F 152 6.15 16.44 0.55
N VAL F 153 5.45 15.86 -0.42
CA VAL F 153 4.12 15.29 -0.18
C VAL F 153 4.17 13.79 -0.43
N PRO F 154 4.32 12.97 0.62
CA PRO F 154 4.28 11.52 0.41
C PRO F 154 2.87 11.00 0.18
N TYR F 155 2.81 9.67 -0.01
CA TYR F 155 1.55 8.98 -0.22
C TYR F 155 1.66 7.55 0.21
N TRP F 156 0.83 7.14 1.14
CA TRP F 156 0.79 5.75 1.58
C TRP F 156 2.20 5.20 1.81
N THR F 157 2.88 5.79 2.78
CA THR F 157 4.22 5.35 3.16
C THR F 157 4.12 4.19 4.14
N TYR F 158 4.78 3.08 3.83
CA TYR F 158 4.73 1.90 4.69
C TYR F 158 6.13 1.37 4.97
N ASN F 159 6.70 1.78 6.09
CA ASN F 159 8.05 1.35 6.48
C ASN F 159 7.99 0.15 7.42
N THR F 160 7.30 -0.91 7.00
CA THR F 160 7.16 -2.10 7.82
C THR F 160 8.53 -2.74 8.06
N GLY F 161 8.76 -3.16 9.30
CA GLY F 161 10.02 -3.77 9.66
C GLY F 161 9.88 -4.88 10.68
N ASP F 162 10.60 -5.99 10.48
CA ASP F 162 10.43 -7.13 11.38
C ASP F 162 8.98 -7.55 11.34
N GLU F 163 8.55 -8.14 10.24
CA GLU F 163 7.15 -8.52 10.10
C GLU F 163 6.95 -10.00 9.77
N PRO F 164 7.00 -10.86 10.79
CA PRO F 164 6.72 -12.29 10.54
C PRO F 164 5.35 -12.46 9.91
N VAL F 165 5.30 -13.22 8.82
CA VAL F 165 4.08 -13.41 8.05
C VAL F 165 3.84 -14.90 7.86
N VAL F 166 2.66 -15.36 8.24
CA VAL F 166 2.21 -16.73 7.99
C VAL F 166 0.93 -16.65 7.16
N ALA F 167 0.93 -17.35 6.03
CA ALA F 167 -0.23 -17.36 5.14
C ALA F 167 -0.39 -18.76 4.57
N ILE F 168 -1.34 -19.51 5.09
CA ILE F 168 -1.62 -20.86 4.64
C ILE F 168 -3.11 -20.97 4.35
N SER F 169 -3.46 -21.49 3.18
CA SER F 169 -4.85 -21.60 2.75
C SER F 169 -5.11 -23.01 2.20
N LEU F 170 -6.21 -23.61 2.64
CA LEU F 170 -6.62 -24.92 2.17
C LEU F 170 -8.05 -24.84 1.64
N LEU F 171 -8.28 -25.37 0.45
CA LEU F 171 -9.60 -25.38 -0.15
C LEU F 171 -10.17 -26.80 -0.22
N VAL G 146 -12.53 -3.92 -15.09
CA VAL G 146 -11.54 -4.72 -14.37
C VAL G 146 -12.24 -5.52 -13.26
N LEU G 147 -12.06 -6.84 -13.29
CA LEU G 147 -12.65 -7.74 -12.30
C LEU G 147 -11.53 -8.39 -11.50
N VAL G 148 -11.65 -8.33 -10.18
CA VAL G 148 -10.65 -8.90 -9.27
C VAL G 148 -11.37 -9.71 -8.21
N ILE G 149 -10.92 -10.94 -8.02
CA ILE G 149 -11.49 -11.82 -6.98
C ILE G 149 -10.41 -12.80 -6.54
N PRO G 150 -9.53 -12.42 -5.63
CA PRO G 150 -8.52 -13.34 -5.12
C PRO G 150 -9.03 -14.13 -3.94
N PRO G 151 -9.11 -15.46 -4.05
CA PRO G 151 -9.36 -16.28 -2.85
C PRO G 151 -8.12 -16.36 -1.97
N GLY G 152 -8.19 -17.15 -0.90
CA GLY G 152 -7.01 -17.36 -0.07
C GLY G 152 -6.62 -16.12 0.71
N VAL G 153 -5.32 -15.89 0.80
CA VAL G 153 -4.78 -14.78 1.59
C VAL G 153 -4.03 -13.83 0.67
N PRO G 154 -4.66 -12.73 0.23
CA PRO G 154 -3.93 -11.73 -0.55
C PRO G 154 -3.00 -10.89 0.32
N TYR G 155 -2.26 -9.98 -0.35
CA TYR G 155 -1.33 -9.11 0.36
C TYR G 155 -1.03 -7.89 -0.49
N TRP G 156 -1.43 -6.70 -0.02
CA TRP G 156 -1.21 -5.45 -0.75
C TRP G 156 -1.67 -5.56 -2.20
N THR G 157 -2.97 -5.81 -2.37
CA THR G 157 -3.58 -5.89 -3.68
C THR G 157 -3.96 -4.49 -4.14
N TYR G 158 -3.45 -4.11 -5.32
CA TYR G 158 -3.74 -2.78 -5.86
C TYR G 158 -4.18 -2.89 -7.31
N ASN G 159 -5.50 -2.85 -7.53
CA ASN G 159 -6.06 -2.97 -8.87
C ASN G 159 -6.32 -1.60 -9.48
N THR G 160 -5.31 -0.75 -9.53
CA THR G 160 -5.44 0.59 -10.08
C THR G 160 -5.84 0.53 -11.55
N GLY G 161 -6.75 1.42 -11.93
CA GLY G 161 -7.22 1.47 -13.30
C GLY G 161 -7.62 2.87 -13.73
N ASP G 162 -7.25 3.26 -14.94
CA ASP G 162 -7.49 4.61 -15.47
C ASP G 162 -6.86 5.64 -14.54
N GLU G 163 -5.53 5.58 -14.45
CA GLU G 163 -4.82 6.46 -13.52
C GLU G 163 -3.78 7.34 -14.18
N PRO G 164 -4.23 8.43 -14.81
CA PRO G 164 -3.31 9.40 -15.43
C PRO G 164 -2.26 9.85 -14.43
N VAL G 165 -1.00 9.88 -14.87
CA VAL G 165 0.13 10.20 -14.01
C VAL G 165 0.98 11.28 -14.67
N VAL G 166 1.24 12.36 -13.94
CA VAL G 166 2.16 13.40 -14.36
C VAL G 166 3.26 13.49 -13.30
N ALA G 167 4.51 13.37 -13.73
CA ALA G 167 5.65 13.43 -12.82
C ALA G 167 6.78 14.17 -13.51
N ILE G 168 7.00 15.42 -13.11
CA ILE G 168 8.05 16.26 -13.66
C ILE G 168 8.85 16.86 -12.51
N SER G 169 10.18 16.75 -12.59
CA SER G 169 11.06 17.25 -11.53
C SER G 169 12.18 18.06 -12.15
N LEU G 170 12.46 19.22 -11.56
CA LEU G 170 13.54 20.10 -11.97
C LEU G 170 14.44 20.39 -10.78
N LEU G 171 15.75 20.24 -10.98
CA LEU G 171 16.71 20.50 -9.92
C LEU G 171 17.56 21.74 -10.25
N VAL H 146 18.54 0.06 7.45
CA VAL H 146 17.97 0.59 6.22
C VAL H 146 17.63 2.06 6.40
N LEU H 147 18.19 2.91 5.54
CA LEU H 147 17.97 4.35 5.58
C LEU H 147 17.20 4.76 4.33
N VAL H 148 16.11 5.48 4.53
CA VAL H 148 15.26 5.95 3.44
C VAL H 148 14.96 7.43 3.65
N ILE H 149 15.18 8.22 2.61
CA ILE H 149 14.90 9.66 2.66
C ILE H 149 14.58 10.13 1.26
N PRO H 150 13.34 9.95 0.78
CA PRO H 150 12.97 10.45 -0.54
C PRO H 150 12.47 11.88 -0.48
N PRO H 151 13.15 12.81 -1.16
CA PRO H 151 12.56 14.15 -1.34
C PRO H 151 11.45 14.14 -2.37
N GLY H 152 10.90 15.31 -2.69
CA GLY H 152 9.88 15.38 -3.71
C GLY H 152 8.57 14.75 -3.26
N VAL H 153 7.87 14.14 -4.22
CA VAL H 153 6.56 13.55 -3.95
C VAL H 153 6.63 12.05 -4.18
N PRO H 154 6.81 11.25 -3.13
CA PRO H 154 6.80 9.79 -3.30
C PRO H 154 5.40 9.23 -3.52
N TYR H 155 5.37 7.90 -3.68
CA TYR H 155 4.11 7.19 -3.87
C TYR H 155 4.26 5.76 -3.41
N TRP H 156 3.44 5.35 -2.47
CA TRP H 156 3.45 3.96 -2.01
C TRP H 156 4.87 3.46 -1.79
N THR H 157 5.55 4.08 -0.83
CA THR H 157 6.90 3.66 -0.47
C THR H 157 6.83 2.52 0.55
N TYR H 158 7.51 1.42 0.24
CA TYR H 158 7.49 0.26 1.12
C TYR H 158 8.91 -0.25 1.40
N ASN H 159 9.48 0.19 2.51
CA ASN H 159 10.83 -0.20 2.88
C ASN H 159 10.81 -1.39 3.84
N THR H 160 10.14 -2.46 3.44
CA THR H 160 10.04 -3.64 4.28
C THR H 160 11.42 -4.25 4.51
N GLY H 161 11.67 -4.65 5.76
CA GLY H 161 12.95 -5.22 6.12
C GLY H 161 12.84 -6.32 7.16
N ASP H 162 13.58 -7.42 6.98
CA ASP H 162 13.45 -8.56 7.89
C ASP H 162 12.00 -9.00 7.88
N GLU H 163 11.57 -9.62 6.79
CA GLU H 163 10.18 -10.03 6.67
C GLU H 163 10.01 -11.51 6.36
N PRO H 164 10.07 -12.36 7.39
CA PRO H 164 9.83 -13.80 7.18
C PRO H 164 8.46 -14.00 6.56
N VAL H 165 8.41 -14.78 5.48
CA VAL H 165 7.18 -15.01 4.73
C VAL H 165 6.98 -16.51 4.57
N VAL H 166 5.81 -16.99 4.96
CA VAL H 166 5.39 -18.36 4.74
C VAL H 166 4.10 -18.33 3.93
N ALA H 167 4.09 -19.04 2.81
CA ALA H 167 2.92 -19.09 1.93
C ALA H 167 2.80 -20.50 1.38
N ILE H 168 1.86 -21.27 1.92
CA ILE H 168 1.60 -22.64 1.49
C ILE H 168 0.11 -22.78 1.23
N SER H 169 -0.25 -23.32 0.06
CA SER H 169 -1.63 -23.47 -0.34
C SER H 169 -1.85 -24.88 -0.86
N LEU H 170 -2.94 -25.50 -0.40
CA LEU H 170 -3.34 -26.83 -0.85
C LEU H 170 -4.78 -26.78 -1.37
N LEU H 171 -5.00 -27.33 -2.54
CA LEU H 171 -6.34 -27.38 -3.13
C LEU H 171 -6.87 -28.82 -3.17
N VAL I 146 -9.85 -6.23 -18.38
CA VAL I 146 -8.84 -7.00 -17.65
C VAL I 146 -9.51 -7.79 -16.53
N LEU I 147 -9.31 -9.10 -16.54
CA LEU I 147 -9.86 -10.00 -15.53
C LEU I 147 -8.73 -10.62 -14.73
N VAL I 148 -8.84 -10.54 -13.41
CA VAL I 148 -7.82 -11.07 -12.51
C VAL I 148 -8.51 -11.88 -11.42
N ILE I 149 -8.03 -13.11 -11.21
CA ILE I 149 -8.58 -13.98 -10.16
C ILE I 149 -7.47 -14.93 -9.72
N PRO I 150 -6.58 -14.51 -8.82
CA PRO I 150 -5.55 -15.41 -8.31
C PRO I 150 -6.04 -16.19 -7.10
N PRO I 151 -6.08 -17.52 -7.19
CA PRO I 151 -6.29 -18.32 -5.97
C PRO I 151 -5.05 -18.37 -5.10
N GLY I 152 -5.09 -19.14 -4.02
CA GLY I 152 -3.91 -19.32 -3.20
C GLY I 152 -3.54 -18.05 -2.45
N VAL I 153 -2.23 -17.80 -2.37
CA VAL I 153 -1.71 -16.67 -1.62
C VAL I 153 -0.99 -15.70 -2.56
N PRO I 154 -1.64 -14.63 -3.00
CA PRO I 154 -0.94 -13.63 -3.81
C PRO I 154 -0.02 -12.75 -2.96
N TYR I 155 0.69 -11.85 -3.65
CA TYR I 155 1.61 -10.95 -2.97
C TYR I 155 1.88 -9.73 -3.84
N TRP I 156 1.46 -8.55 -3.39
CA TRP I 156 1.65 -7.30 -4.13
C TRP I 156 1.17 -7.45 -5.57
N THR I 157 -0.12 -7.72 -5.72
CA THR I 157 -0.74 -7.84 -7.04
C THR I 157 -1.16 -6.46 -7.52
N TYR I 158 -0.67 -6.08 -8.71
CA TYR I 158 -0.99 -4.77 -9.26
C TYR I 158 -1.45 -4.92 -10.71
N ASN I 159 -2.76 -4.89 -10.91
CA ASN I 159 -3.34 -5.05 -12.25
C ASN I 159 -3.64 -3.69 -12.88
N THR I 160 -2.63 -2.82 -12.95
CA THR I 160 -2.81 -1.50 -13.52
C THR I 160 -3.23 -1.59 -14.98
N GLY I 161 -4.16 -0.72 -15.37
CA GLY I 161 -4.64 -0.70 -16.74
C GLY I 161 -5.07 0.68 -17.18
N ASP I 162 -4.72 1.06 -18.41
CA ASP I 162 -4.99 2.38 -18.95
C ASP I 162 -4.37 3.45 -18.04
N GLU I 163 -3.04 3.42 -17.97
CA GLU I 163 -2.34 4.32 -17.05
C GLU I 163 -1.33 5.21 -17.75
N PRO I 164 -1.80 6.29 -18.39
CA PRO I 164 -0.91 7.26 -19.03
C PRO I 164 0.15 7.75 -18.04
N VAL I 165 1.39 7.80 -18.51
CA VAL I 165 2.53 8.15 -17.65
C VAL I 165 3.34 9.24 -18.35
N VAL I 166 3.59 10.34 -17.64
CA VAL I 166 4.50 11.39 -18.08
C VAL I 166 5.59 11.52 -17.03
N ALA I 167 6.85 11.42 -17.47
CA ALA I 167 8.00 11.51 -16.58
C ALA I 167 9.10 12.27 -17.30
N ILE I 168 9.30 13.53 -16.91
CA ILE I 168 10.33 14.38 -17.50
C ILE I 168 11.13 15.02 -16.36
N SER I 169 12.46 14.94 -16.45
CA SER I 169 13.33 15.46 -15.41
C SER I 169 14.43 16.29 -16.05
N LEU I 170 14.70 17.47 -15.48
CA LEU I 170 15.75 18.36 -15.93
C LEU I 170 16.66 18.69 -14.75
N LEU I 171 17.97 18.56 -14.96
CA LEU I 171 18.93 18.86 -13.91
C LEU I 171 19.75 20.10 -14.27
N VAL J 146 21.36 -1.27 3.76
CA VAL J 146 20.76 -0.76 2.53
C VAL J 146 20.40 0.70 2.69
N LEU J 147 20.94 1.55 1.81
CA LEU J 147 20.69 2.98 1.83
C LEU J 147 19.90 3.36 0.58
N VAL J 148 18.80 4.07 0.78
CA VAL J 148 17.92 4.49 -0.30
C VAL J 148 17.60 5.97 -0.11
N ILE J 149 17.79 6.75 -1.17
CA ILE J 149 17.48 8.18 -1.14
C ILE J 149 17.13 8.63 -2.55
N PRO J 150 15.90 8.41 -3.00
CA PRO J 150 15.50 8.88 -4.33
C PRO J 150 14.98 10.31 -4.29
N PRO J 151 15.63 11.24 -4.99
CA PRO J 151 15.00 12.56 -5.18
C PRO J 151 13.89 12.51 -6.21
N GLY J 152 13.31 13.66 -6.54
CA GLY J 152 12.28 13.70 -7.56
C GLY J 152 10.98 13.05 -7.08
N VAL J 153 10.29 12.41 -8.01
CA VAL J 153 8.99 11.80 -7.72
C VAL J 153 9.09 10.29 -7.94
N PRO J 154 9.29 9.51 -6.86
CA PRO J 154 9.31 8.05 -7.02
C PRO J 154 7.92 7.47 -7.21
N TYR J 155 7.92 6.14 -7.36
CA TYR J 155 6.67 5.38 -7.52
C TYR J 155 6.86 3.98 -7.04
N TRP J 156 6.06 3.56 -6.08
CA TRP J 156 6.09 2.19 -5.60
C TRP J 156 7.53 1.70 -5.38
N THR J 157 8.21 2.36 -4.45
CA THR J 157 9.57 1.98 -4.08
C THR J 157 9.53 0.85 -3.05
N TYR J 158 10.24 -0.24 -3.35
CA TYR J 158 10.25 -1.39 -2.45
C TYR J 158 11.67 -1.86 -2.18
N ASN J 159 12.25 -1.40 -1.09
CA ASN J 159 13.62 -1.75 -0.72
C ASN J 159 13.64 -2.93 0.25
N THR J 160 12.98 -4.02 -0.11
CA THR J 160 12.90 -5.20 0.74
C THR J 160 14.30 -5.76 0.97
N GLY J 161 14.57 -6.14 2.22
CA GLY J 161 15.87 -6.68 2.58
C GLY J 161 15.79 -7.77 3.63
N ASP J 162 16.55 -8.85 3.46
CA ASP J 162 16.46 -9.97 4.39
C ASP J 162 15.02 -10.44 4.40
N GLU J 163 14.59 -11.09 3.33
CA GLU J 163 13.20 -11.53 3.23
C GLU J 163 13.06 -13.02 2.95
N PRO J 164 13.15 -13.85 3.99
CA PRO J 164 12.93 -15.29 3.79
C PRO J 164 11.56 -15.55 3.20
N VAL J 165 11.51 -16.34 2.14
CA VAL J 165 10.30 -16.60 1.40
C VAL J 165 10.12 -18.11 1.27
N VAL J 166 8.95 -18.60 1.68
CA VAL J 166 8.55 -19.99 1.48
C VAL J 166 7.26 -20.00 0.69
N ALA J 167 7.26 -20.72 -0.43
CA ALA J 167 6.09 -20.81 -1.29
C ALA J 167 5.98 -22.23 -1.81
N ILE J 168 5.06 -23.01 -1.25
CA ILE J 168 4.83 -24.39 -1.65
C ILE J 168 3.34 -24.57 -1.90
N SER J 169 2.99 -25.13 -3.05
CA SER J 169 1.59 -25.32 -3.44
C SER J 169 1.39 -26.74 -3.94
N LEU J 170 0.32 -27.38 -3.45
CA LEU J 170 -0.05 -28.72 -3.88
C LEU J 170 -1.49 -28.70 -4.37
N LEU J 171 -1.72 -29.29 -5.55
CA LEU J 171 -3.06 -29.38 -6.12
C LEU J 171 -3.55 -30.81 -6.13
#